data_3VOY
#
_entry.id   3VOY
#
_cell.length_a   139.598
_cell.length_b   139.598
_cell.length_c   156.618
_cell.angle_alpha   90.00
_cell.angle_beta   90.00
_cell.angle_gamma   90.00
#
_symmetry.space_group_name_H-M   'I 41 2 2'
#
loop_
_entity.id
_entity.type
_entity.pdbx_description
1 polymer 'Glutaminase kidney isoform, mitochondrial'
2 non-polymer 'SULFATE ION'
3 water water
#
_entity_poly.entity_id   1
_entity_poly.type   'polypeptide(L)'
_entity_poly.pdbx_seq_one_letter_code
;SMIPDFMSFTSHIDELYESAKKQSGGKVADYIPQLAKFSPDLWGVSVCTVDGQRHSTGDTKVPFCLQSCVKPLKYAIAVN
DLGTEYVHRYVGKEPSGLRFNKLFLNEDDKPHNPMVNAGAIVVTSLIKQGVNNAEKFDYVMQFLNKMAGNEYVGFSNATF
QSERESGDRNFAIGYYLKEKKCFPEGTDMVGILDFYFQLCSIEVTCESASVMAATLANGGFCPITGERVLSPEAVRNTLS
LMHSCGMYDFSGQFAFHVGLPAKSGVAGGILLVVPNVMGMMCWSPPLDKMGNSVKGIHFCHDLVSLCNFHNYDNL
;
_entity_poly.pdbx_strand_id   A
#
loop_
_chem_comp.id
_chem_comp.type
_chem_comp.name
_chem_comp.formula
SO4 non-polymer 'SULFATE ION' 'O4 S -2'
#
# COMPACT_ATOMS: atom_id res chain seq x y z
N SER A 1 -11.46 -20.71 9.70
CA SER A 1 -12.16 -19.56 9.06
C SER A 1 -13.20 -18.94 10.01
N MET A 2 -13.22 -17.61 10.06
CA MET A 2 -14.13 -16.84 10.93
C MET A 2 -15.33 -16.25 10.20
N ILE A 3 -15.59 -16.70 8.99
CA ILE A 3 -16.74 -16.23 8.22
C ILE A 3 -17.56 -17.46 7.82
N PRO A 4 -18.48 -17.89 8.70
CA PRO A 4 -19.32 -19.05 8.41
C PRO A 4 -20.24 -18.79 7.22
N ASP A 5 -21.00 -17.71 7.31
CA ASP A 5 -21.93 -17.32 6.26
C ASP A 5 -21.47 -16.02 5.60
N PHE A 6 -20.88 -16.15 4.40
CA PHE A 6 -20.38 -15.00 3.67
C PHE A 6 -21.48 -13.99 3.38
N MET A 7 -22.63 -14.48 2.90
CA MET A 7 -23.75 -13.63 2.58
C MET A 7 -24.15 -12.71 3.74
N SER A 8 -24.07 -13.21 4.96
CA SER A 8 -24.43 -12.41 6.12
C SER A 8 -23.32 -11.41 6.43
N PHE A 9 -22.08 -11.82 6.20
CA PHE A 9 -20.91 -10.96 6.43
C PHE A 9 -21.04 -9.78 5.47
N THR A 10 -21.42 -10.07 4.24
CA THR A 10 -21.60 -9.05 3.21
C THR A 10 -22.57 -7.98 3.69
N SER A 11 -23.67 -8.43 4.29
CA SER A 11 -24.69 -7.52 4.80
C SER A 11 -24.11 -6.57 5.85
N HIS A 12 -23.17 -7.07 6.63
CA HIS A 12 -22.51 -6.27 7.66
C HIS A 12 -21.58 -5.24 7.03
N ILE A 13 -20.82 -5.67 6.02
CA ILE A 13 -19.92 -4.76 5.32
C ILE A 13 -20.71 -3.55 4.82
N ASP A 14 -21.88 -3.82 4.25
CA ASP A 14 -22.73 -2.75 3.74
C ASP A 14 -23.15 -1.80 4.86
N GLU A 15 -23.45 -2.35 6.03
CA GLU A 15 -23.86 -1.52 7.16
C GLU A 15 -22.69 -0.62 7.59
N LEU A 16 -21.51 -1.21 7.72
CA LEU A 16 -20.32 -0.45 8.12
C LEU A 16 -20.01 0.60 7.04
N TYR A 17 -20.14 0.20 5.79
CA TYR A 17 -19.89 1.12 4.67
C TYR A 17 -20.83 2.30 4.76
N GLU A 18 -22.09 1.99 5.03
CA GLU A 18 -23.14 3.00 5.13
C GLU A 18 -22.88 3.96 6.28
N SER A 19 -22.39 3.43 7.39
CA SER A 19 -22.09 4.23 8.57
C SER A 19 -20.90 5.16 8.31
N ALA A 20 -19.85 4.60 7.70
CA ALA A 20 -18.65 5.37 7.39
C ALA A 20 -18.97 6.50 6.42
N LYS A 21 -19.94 6.25 5.53
CA LYS A 21 -20.35 7.23 4.53
C LYS A 21 -20.76 8.57 5.15
N LYS A 22 -21.32 8.52 6.36
CA LYS A 22 -21.76 9.72 7.06
C LYS A 22 -20.60 10.60 7.52
N GLN A 23 -19.39 10.04 7.51
CA GLN A 23 -18.20 10.79 7.93
C GLN A 23 -17.68 11.60 6.75
N SER A 24 -18.01 12.89 6.74
CA SER A 24 -17.61 13.77 5.65
C SER A 24 -16.41 14.66 5.92
N GLY A 25 -15.76 14.48 7.07
CA GLY A 25 -14.59 15.29 7.38
C GLY A 25 -13.39 15.01 6.47
N GLY A 26 -12.31 15.75 6.71
CA GLY A 26 -11.12 15.52 5.93
C GLY A 26 -10.98 16.41 4.71
N LYS A 27 -9.80 16.37 4.10
CA LYS A 27 -9.49 17.18 2.95
C LYS A 27 -8.89 16.31 1.85
N VAL A 28 -9.38 16.48 0.63
CA VAL A 28 -8.87 15.73 -0.52
C VAL A 28 -7.49 16.33 -0.81
N ALA A 29 -6.49 15.49 -1.06
CA ALA A 29 -5.15 16.01 -1.32
C ALA A 29 -5.16 16.94 -2.52
N ASP A 30 -4.39 18.01 -2.47
CA ASP A 30 -4.37 18.96 -3.57
C ASP A 30 -2.99 19.50 -3.90
N TYR A 31 -1.93 18.75 -3.63
CA TYR A 31 -0.61 19.29 -3.96
C TYR A 31 -0.39 19.22 -5.47
N ILE A 32 -1.11 18.33 -6.13
CA ILE A 32 -1.08 18.22 -7.60
C ILE A 32 -2.55 18.17 -8.05
N PRO A 33 -2.85 18.69 -9.25
CA PRO A 33 -4.22 18.70 -9.80
C PRO A 33 -4.86 17.31 -9.94
N GLN A 34 -4.06 16.32 -10.32
CA GLN A 34 -4.58 14.97 -10.50
C GLN A 34 -5.21 14.40 -9.23
N LEU A 35 -4.85 14.95 -8.08
CA LEU A 35 -5.42 14.49 -6.82
C LEU A 35 -6.55 15.41 -6.38
N ALA A 36 -6.40 16.70 -6.65
CA ALA A 36 -7.40 17.70 -6.27
C ALA A 36 -8.70 17.50 -7.06
N LYS A 37 -8.57 16.91 -8.25
CA LYS A 37 -9.70 16.62 -9.13
C LYS A 37 -10.81 15.87 -8.42
N PHE A 38 -10.44 14.81 -7.73
CA PHE A 38 -11.39 13.93 -7.07
C PHE A 38 -12.43 14.51 -6.13
N SER A 39 -13.62 13.95 -6.25
CA SER A 39 -14.75 14.33 -5.44
C SER A 39 -14.61 13.73 -4.05
N PRO A 40 -14.93 14.53 -3.02
CA PRO A 40 -14.83 14.04 -1.64
C PRO A 40 -15.86 12.97 -1.32
N ASP A 41 -16.88 12.85 -2.16
CA ASP A 41 -17.94 11.88 -1.90
C ASP A 41 -17.70 10.47 -2.44
N LEU A 42 -16.62 10.28 -3.19
CA LEU A 42 -16.32 8.96 -3.70
C LEU A 42 -15.98 8.11 -2.47
N TRP A 43 -16.54 6.90 -2.41
CA TRP A 43 -16.33 6.01 -1.27
C TRP A 43 -16.64 4.58 -1.70
N GLY A 44 -15.61 3.73 -1.70
CA GLY A 44 -15.80 2.35 -2.09
C GLY A 44 -15.10 1.37 -1.18
N VAL A 45 -15.68 0.17 -1.07
CA VAL A 45 -15.10 -0.89 -0.24
C VAL A 45 -15.27 -2.22 -0.95
N SER A 46 -14.15 -2.88 -1.24
CA SER A 46 -14.20 -4.18 -1.92
C SER A 46 -13.51 -5.23 -1.06
N VAL A 47 -14.11 -6.41 -1.00
CA VAL A 47 -13.60 -7.53 -0.23
C VAL A 47 -13.29 -8.69 -1.14
N CYS A 48 -12.23 -9.42 -0.83
CA CYS A 48 -11.84 -10.61 -1.58
C CYS A 48 -11.26 -11.58 -0.56
N THR A 49 -12.05 -12.59 -0.21
CA THR A 49 -11.63 -13.58 0.76
C THR A 49 -10.51 -14.46 0.23
N VAL A 50 -9.84 -15.13 1.14
CA VAL A 50 -8.74 -16.04 0.81
C VAL A 50 -9.37 -17.18 -0.01
N ASP A 51 -10.68 -17.25 0.10
CA ASP A 51 -11.54 -18.24 -0.55
C ASP A 51 -11.75 -17.89 -2.02
N GLY A 52 -11.80 -16.60 -2.32
CA GLY A 52 -12.00 -16.16 -3.68
C GLY A 52 -13.36 -15.51 -3.80
N GLN A 53 -14.06 -15.41 -2.68
CA GLN A 53 -15.39 -14.81 -2.67
C GLN A 53 -15.23 -13.29 -2.70
N ARG A 54 -16.07 -12.63 -3.50
CA ARG A 54 -16.01 -11.19 -3.70
C ARG A 54 -17.26 -10.44 -3.24
N HIS A 55 -17.09 -9.14 -3.01
CA HIS A 55 -18.19 -8.26 -2.62
C HIS A 55 -17.74 -6.80 -2.64
N SER A 56 -18.49 -5.97 -3.34
CA SER A 56 -18.16 -4.56 -3.41
C SER A 56 -19.38 -3.73 -3.07
N THR A 57 -19.13 -2.51 -2.62
CA THR A 57 -20.18 -1.57 -2.28
C THR A 57 -19.60 -0.20 -2.52
N GLY A 58 -20.35 0.65 -3.19
CA GLY A 58 -19.85 1.99 -3.46
C GLY A 58 -19.08 2.11 -4.76
N ASP A 59 -18.24 3.14 -4.83
CA ASP A 59 -17.47 3.43 -6.03
C ASP A 59 -16.23 2.55 -6.16
N THR A 60 -16.48 1.26 -6.37
CA THR A 60 -15.41 0.26 -6.45
C THR A 60 -14.81 0.00 -7.83
N LYS A 61 -15.25 0.75 -8.84
CA LYS A 61 -14.72 0.57 -10.19
C LYS A 61 -14.12 1.84 -10.74
N VAL A 62 -14.01 2.88 -9.90
CA VAL A 62 -13.41 4.14 -10.33
C VAL A 62 -11.91 4.02 -10.09
N PRO A 63 -11.09 4.15 -11.15
CA PRO A 63 -9.64 4.03 -10.99
C PRO A 63 -9.02 5.17 -10.17
N PHE A 64 -8.00 4.85 -9.39
CA PHE A 64 -7.28 5.84 -8.58
C PHE A 64 -5.84 5.35 -8.40
N CYS A 65 -4.91 6.26 -8.12
CA CYS A 65 -3.50 5.89 -7.97
C CYS A 65 -3.19 5.24 -6.62
N LEU A 66 -2.36 4.21 -6.67
CA LEU A 66 -1.95 3.49 -5.46
C LEU A 66 -1.16 4.40 -4.55
N GLN A 67 -0.30 5.23 -5.13
CA GLN A 67 0.54 6.12 -4.34
C GLN A 67 1.29 5.28 -3.31
N SER A 68 1.29 5.69 -2.04
CA SER A 68 2.02 4.93 -1.05
C SER A 68 1.53 3.50 -0.87
N CYS A 69 0.32 3.20 -1.35
CA CYS A 69 -0.19 1.84 -1.21
C CYS A 69 0.69 0.86 -1.96
N VAL A 70 1.50 1.37 -2.90
CA VAL A 70 2.40 0.52 -3.69
C VAL A 70 3.68 0.13 -2.93
N LYS A 71 4.01 0.89 -1.89
CA LYS A 71 5.24 0.63 -1.12
C LYS A 71 5.35 -0.81 -0.63
N PRO A 72 4.33 -1.33 0.07
CA PRO A 72 4.48 -2.71 0.51
C PRO A 72 4.57 -3.70 -0.64
N LEU A 73 3.91 -3.38 -1.75
CA LEU A 73 3.92 -4.25 -2.92
C LEU A 73 5.30 -4.34 -3.58
N LYS A 74 5.95 -3.21 -3.82
CA LYS A 74 7.26 -3.30 -4.43
C LYS A 74 8.28 -3.87 -3.44
N TYR A 75 8.02 -3.70 -2.14
CA TYR A 75 8.92 -4.26 -1.13
C TYR A 75 8.79 -5.78 -1.22
N ALA A 76 7.55 -6.25 -1.29
CA ALA A 76 7.29 -7.69 -1.39
C ALA A 76 8.00 -8.24 -2.61
N ILE A 77 8.01 -7.47 -3.71
CA ILE A 77 8.68 -7.90 -4.94
C ILE A 77 10.18 -8.06 -4.68
N ALA A 78 10.78 -7.06 -4.06
CA ALA A 78 12.22 -7.07 -3.78
C ALA A 78 12.64 -8.27 -2.93
N VAL A 79 11.89 -8.54 -1.87
CA VAL A 79 12.19 -9.66 -0.99
C VAL A 79 11.99 -10.99 -1.73
N ASN A 80 10.95 -11.05 -2.56
CA ASN A 80 10.64 -12.26 -3.32
C ASN A 80 11.79 -12.64 -4.23
N ASP A 81 12.38 -11.64 -4.89
CA ASP A 81 13.48 -11.88 -5.82
C ASP A 81 14.88 -11.82 -5.22
N LEU A 82 15.05 -11.12 -4.10
CA LEU A 82 16.37 -10.98 -3.52
C LEU A 82 16.56 -11.56 -2.13
N GLY A 83 15.46 -11.83 -1.42
CA GLY A 83 15.55 -12.37 -0.09
C GLY A 83 15.63 -11.31 0.98
N THR A 84 15.24 -11.67 2.20
CA THR A 84 15.27 -10.75 3.33
C THR A 84 16.63 -10.11 3.60
N GLU A 85 17.65 -10.94 3.71
CA GLU A 85 19.00 -10.47 4.03
C GLU A 85 19.54 -9.41 3.08
N TYR A 86 19.47 -9.65 1.77
CA TYR A 86 19.97 -8.69 0.81
C TYR A 86 19.20 -7.37 0.87
N VAL A 87 17.88 -7.44 0.77
CA VAL A 87 17.08 -6.21 0.80
C VAL A 87 17.39 -5.37 2.02
N HIS A 88 17.48 -6.00 3.19
CA HIS A 88 17.74 -5.25 4.40
C HIS A 88 19.16 -4.77 4.68
N ARG A 89 20.03 -4.92 3.68
CA ARG A 89 21.37 -4.38 3.81
C ARG A 89 21.22 -2.91 3.43
N TYR A 90 20.08 -2.59 2.81
CA TYR A 90 19.80 -1.23 2.36
C TYR A 90 18.69 -0.49 3.09
N VAL A 91 17.80 -1.22 3.75
CA VAL A 91 16.70 -0.58 4.46
C VAL A 91 16.40 -1.25 5.81
N GLY A 92 15.95 -0.45 6.77
CA GLY A 92 15.64 -0.94 8.10
C GLY A 92 14.37 -1.78 8.23
N LYS A 93 14.05 -2.18 9.45
CA LYS A 93 12.89 -3.04 9.68
C LYS A 93 11.93 -2.54 10.75
N GLU A 94 11.93 -1.24 11.04
CA GLU A 94 11.05 -0.74 12.08
C GLU A 94 10.67 0.73 11.99
N PRO A 95 9.63 1.13 12.76
CA PRO A 95 9.13 2.51 12.80
C PRO A 95 10.21 3.54 13.05
N SER A 96 10.24 4.58 12.23
CA SER A 96 11.23 5.63 12.42
C SER A 96 10.82 6.27 13.74
N GLY A 97 11.79 6.68 14.52
CA GLY A 97 11.49 7.29 15.79
C GLY A 97 10.45 8.40 15.75
N LEU A 98 10.86 9.58 15.30
CA LEU A 98 9.99 10.74 15.24
C LEU A 98 9.07 10.83 14.03
N ARG A 99 8.74 12.07 13.65
CA ARG A 99 7.87 12.37 12.52
C ARG A 99 8.08 11.42 11.34
N PHE A 100 6.97 11.00 10.72
CA PHE A 100 7.02 10.11 9.57
C PHE A 100 7.53 10.92 8.37
N ASN A 101 8.53 10.37 7.68
CA ASN A 101 9.13 11.04 6.52
C ASN A 101 9.87 12.33 6.92
N LYS A 102 10.55 12.28 8.06
CA LYS A 102 11.31 13.42 8.58
C LYS A 102 12.64 13.60 7.83
N LEU A 103 13.05 12.56 7.10
CA LEU A 103 14.29 12.57 6.33
C LEU A 103 15.56 12.56 7.17
N PHE A 104 15.99 11.34 7.46
CA PHE A 104 17.19 11.05 8.22
C PHE A 104 17.27 9.55 8.22
N LEU A 105 18.47 9.03 8.41
CA LEU A 105 18.65 7.59 8.40
C LEU A 105 18.75 7.09 9.84
N ASN A 106 18.86 5.79 10.01
CA ASN A 106 18.97 5.23 11.35
C ASN A 106 20.44 5.09 11.73
N GLU A 107 20.70 4.35 12.81
CA GLU A 107 22.05 4.12 13.30
C GLU A 107 23.02 3.73 12.19
N ASP A 108 22.62 2.79 11.34
CA ASP A 108 23.46 2.30 10.26
C ASP A 108 23.36 3.07 8.94
N ASP A 109 22.82 4.28 8.98
CA ASP A 109 22.66 5.09 7.77
C ASP A 109 21.80 4.41 6.70
N LYS A 110 20.68 3.85 7.12
CA LYS A 110 19.74 3.20 6.21
C LYS A 110 18.37 3.82 6.49
N PRO A 111 17.51 3.91 5.46
CA PRO A 111 16.19 4.49 5.74
C PRO A 111 15.57 3.55 6.76
N HIS A 112 14.84 4.08 7.73
CA HIS A 112 14.25 3.27 8.79
C HIS A 112 13.47 2.03 8.37
N ASN A 113 12.65 2.15 7.32
CA ASN A 113 11.87 1.02 6.86
C ASN A 113 11.36 1.26 5.44
N PRO A 114 10.84 0.20 4.78
CA PRO A 114 10.34 0.33 3.41
C PRO A 114 9.11 1.22 3.22
N MET A 115 8.41 1.53 4.30
CA MET A 115 7.20 2.33 4.20
C MET A 115 7.37 3.86 4.17
N VAL A 116 8.52 4.37 4.57
CA VAL A 116 8.73 5.81 4.51
C VAL A 116 9.30 6.07 3.12
N ASN A 117 9.17 7.29 2.62
CA ASN A 117 9.62 7.60 1.26
C ASN A 117 11.08 7.27 0.97
N ALA A 118 11.98 7.65 1.87
CA ALA A 118 13.40 7.38 1.67
C ALA A 118 13.62 5.87 1.51
N GLY A 119 12.90 5.09 2.29
CA GLY A 119 13.03 3.64 2.21
C GLY A 119 12.46 3.06 0.93
N ALA A 120 11.30 3.57 0.50
CA ALA A 120 10.66 3.09 -0.72
C ALA A 120 11.55 3.40 -1.93
N ILE A 121 12.18 4.56 -1.91
CA ILE A 121 13.08 4.95 -2.99
C ILE A 121 14.25 3.97 -3.08
N VAL A 122 14.81 3.60 -1.92
CA VAL A 122 15.91 2.64 -1.89
C VAL A 122 15.42 1.27 -2.39
N VAL A 123 14.25 0.85 -1.91
CA VAL A 123 13.70 -0.44 -2.35
C VAL A 123 13.55 -0.41 -3.87
N THR A 124 13.04 0.69 -4.39
CA THR A 124 12.86 0.84 -5.83
C THR A 124 14.18 0.60 -6.57
N SER A 125 15.30 1.01 -5.97
CA SER A 125 16.60 0.85 -6.62
C SER A 125 17.13 -0.59 -6.61
N LEU A 126 16.40 -1.49 -5.95
CA LEU A 126 16.83 -2.88 -5.88
C LEU A 126 16.14 -3.78 -6.90
N ILE A 127 14.94 -3.39 -7.33
CA ILE A 127 14.17 -4.19 -8.28
C ILE A 127 14.81 -4.31 -9.65
N LYS A 128 14.88 -5.55 -10.14
CA LYS A 128 15.43 -5.86 -11.46
C LYS A 128 16.56 -4.91 -11.90
N GLN A 129 17.68 -4.95 -11.19
CA GLN A 129 18.80 -4.09 -11.54
C GLN A 129 19.43 -4.54 -12.85
N GLY A 130 19.97 -3.59 -13.61
CA GLY A 130 20.59 -3.95 -14.87
C GLY A 130 19.82 -3.61 -16.13
N VAL A 131 18.49 -3.70 -16.07
CA VAL A 131 17.66 -3.40 -17.24
C VAL A 131 17.22 -1.94 -17.20
N ASN A 132 16.69 -1.43 -18.31
CA ASN A 132 16.24 -0.05 -18.34
C ASN A 132 14.89 0.12 -17.65
N ASN A 133 14.53 1.36 -17.36
CA ASN A 133 13.27 1.67 -16.70
C ASN A 133 12.06 1.10 -17.40
N ALA A 134 12.09 1.03 -18.71
CA ALA A 134 10.95 0.50 -19.44
C ALA A 134 10.68 -0.95 -19.03
N GLU A 135 11.73 -1.77 -19.01
CA GLU A 135 11.59 -3.17 -18.61
C GLU A 135 11.31 -3.30 -17.13
N LYS A 136 11.93 -2.43 -16.33
CA LYS A 136 11.71 -2.47 -14.88
C LYS A 136 10.23 -2.26 -14.63
N PHE A 137 9.67 -1.26 -15.29
CA PHE A 137 8.26 -0.96 -15.12
C PHE A 137 7.37 -2.11 -15.62
N ASP A 138 7.68 -2.66 -16.78
CA ASP A 138 6.88 -3.78 -17.28
C ASP A 138 6.94 -4.93 -16.28
N TYR A 139 8.14 -5.22 -15.80
CA TYR A 139 8.36 -6.29 -14.85
C TYR A 139 7.44 -6.14 -13.62
N VAL A 140 7.43 -4.95 -13.03
CA VAL A 140 6.59 -4.72 -11.86
C VAL A 140 5.11 -4.79 -12.22
N MET A 141 4.75 -4.23 -13.38
CA MET A 141 3.36 -4.24 -13.82
C MET A 141 2.87 -5.68 -13.94
N GLN A 142 3.69 -6.52 -14.56
CA GLN A 142 3.35 -7.93 -14.71
C GLN A 142 3.12 -8.54 -13.35
N PHE A 143 4.02 -8.21 -12.42
CA PHE A 143 3.94 -8.73 -11.07
C PHE A 143 2.65 -8.28 -10.36
N LEU A 144 2.24 -7.04 -10.59
CA LEU A 144 1.01 -6.54 -9.97
C LEU A 144 -0.22 -7.20 -10.61
N ASN A 145 -0.14 -7.49 -11.90
CA ASN A 145 -1.24 -8.15 -12.60
C ASN A 145 -1.48 -9.50 -11.93
N LYS A 146 -0.39 -10.22 -11.65
CA LYS A 146 -0.48 -11.52 -11.00
C LYS A 146 -1.08 -11.38 -9.60
N MET A 147 -0.69 -10.32 -8.88
CA MET A 147 -1.23 -10.10 -7.54
C MET A 147 -2.71 -9.80 -7.59
N ALA A 148 -3.13 -9.14 -8.66
CA ALA A 148 -4.52 -8.77 -8.85
C ALA A 148 -5.33 -9.81 -9.61
N GLY A 149 -4.71 -10.94 -9.94
CA GLY A 149 -5.42 -11.96 -10.69
C GLY A 149 -5.87 -11.40 -12.02
N ASN A 150 -5.01 -10.56 -12.61
CA ASN A 150 -5.27 -9.92 -13.89
C ASN A 150 -6.41 -8.92 -13.95
N GLU A 151 -6.81 -8.40 -12.80
CA GLU A 151 -7.86 -7.39 -12.80
C GLU A 151 -7.23 -6.01 -13.03
N TYR A 152 -8.05 -4.97 -13.04
CA TYR A 152 -7.57 -3.61 -13.33
C TYR A 152 -6.26 -3.14 -12.68
N VAL A 153 -5.29 -2.85 -13.56
CA VAL A 153 -4.01 -2.30 -13.15
C VAL A 153 -3.64 -1.33 -14.27
N GLY A 154 -3.90 -0.05 -14.06
CA GLY A 154 -3.59 0.93 -15.09
C GLY A 154 -2.42 1.81 -14.71
N PHE A 155 -2.30 2.95 -15.40
CA PHE A 155 -1.21 3.90 -15.15
C PHE A 155 -1.66 5.32 -15.45
N SER A 156 -1.35 6.25 -14.54
CA SER A 156 -1.71 7.65 -14.71
C SER A 156 -0.49 8.51 -15.03
N ASN A 157 -0.33 8.79 -16.32
CA ASN A 157 0.79 9.57 -16.83
C ASN A 157 0.79 11.01 -16.33
N ALA A 158 -0.39 11.55 -16.09
CA ALA A 158 -0.52 12.93 -15.59
C ALA A 158 -0.09 13.02 -14.15
N THR A 159 -0.41 11.98 -13.37
CA THR A 159 0.00 11.96 -11.99
C THR A 159 1.52 11.84 -12.04
N PHE A 160 2.00 10.92 -12.88
CA PHE A 160 3.43 10.72 -13.04
C PHE A 160 4.14 12.02 -13.43
N GLN A 161 3.66 12.69 -14.47
CA GLN A 161 4.24 13.93 -14.94
C GLN A 161 4.18 15.02 -13.87
N SER A 162 3.07 15.08 -13.13
CA SER A 162 2.93 16.09 -12.08
C SER A 162 3.80 15.77 -10.87
N GLU A 163 3.90 14.49 -10.54
CA GLU A 163 4.71 14.04 -9.40
C GLU A 163 6.18 14.37 -9.63
N ARG A 164 6.66 14.09 -10.83
CA ARG A 164 8.05 14.36 -11.17
C ARG A 164 8.34 15.85 -11.26
N GLU A 165 7.41 16.60 -11.86
CA GLU A 165 7.57 18.03 -12.02
C GLU A 165 7.58 18.82 -10.72
N SER A 166 6.96 18.29 -9.67
CA SER A 166 6.92 18.99 -8.41
C SER A 166 7.54 18.21 -7.27
N GLY A 167 8.31 17.16 -7.60
CA GLY A 167 8.91 16.34 -6.57
C GLY A 167 10.23 16.83 -6.00
N ASP A 168 10.31 18.11 -5.63
CA ASP A 168 11.55 18.64 -5.06
C ASP A 168 11.91 17.88 -3.79
N ARG A 169 10.91 17.54 -2.99
CA ARG A 169 11.17 16.80 -1.75
C ARG A 169 11.81 15.45 -2.02
N ASN A 170 11.36 14.75 -3.05
CA ASN A 170 11.93 13.44 -3.38
C ASN A 170 13.32 13.56 -4.00
N PHE A 171 13.57 14.63 -4.75
CA PHE A 171 14.89 14.81 -5.31
C PHE A 171 15.88 15.11 -4.18
N ALA A 172 15.43 15.84 -3.17
CA ALA A 172 16.30 16.16 -2.05
C ALA A 172 16.67 14.84 -1.37
N ILE A 173 15.68 13.97 -1.19
CA ILE A 173 15.90 12.66 -0.59
C ILE A 173 16.80 11.84 -1.50
N GLY A 174 16.59 11.98 -2.81
CA GLY A 174 17.40 11.24 -3.76
C GLY A 174 18.87 11.56 -3.61
N TYR A 175 19.22 12.84 -3.67
CA TYR A 175 20.60 13.25 -3.53
C TYR A 175 21.15 12.93 -2.15
N TYR A 176 20.33 13.09 -1.12
CA TYR A 176 20.73 12.79 0.25
C TYR A 176 21.15 11.32 0.36
N LEU A 177 20.34 10.43 -0.18
CA LEU A 177 20.63 8.99 -0.13
C LEU A 177 21.87 8.64 -0.96
N LYS A 178 22.07 9.35 -2.07
CA LYS A 178 23.22 9.09 -2.92
C LYS A 178 24.52 9.48 -2.21
N GLU A 179 24.49 10.62 -1.51
CA GLU A 179 25.64 11.12 -0.79
C GLU A 179 25.98 10.20 0.39
N LYS A 180 24.95 9.60 0.98
CA LYS A 180 25.12 8.69 2.11
C LYS A 180 25.42 7.27 1.64
N LYS A 181 25.59 7.09 0.32
CA LYS A 181 25.89 5.78 -0.25
C LYS A 181 24.84 4.71 0.07
N CYS A 182 23.56 5.08 0.04
CA CYS A 182 22.49 4.14 0.35
C CYS A 182 22.05 3.25 -0.81
N PHE A 183 22.46 3.60 -2.03
CA PHE A 183 22.08 2.82 -3.22
C PHE A 183 23.12 1.79 -3.62
N PRO A 184 22.69 0.70 -4.27
CA PRO A 184 23.66 -0.31 -4.69
C PRO A 184 24.64 0.39 -5.63
N GLU A 185 25.89 -0.06 -5.67
CA GLU A 185 26.88 0.57 -6.53
C GLU A 185 26.45 0.74 -7.99
N GLY A 186 26.76 1.90 -8.55
CA GLY A 186 26.43 2.18 -9.94
C GLY A 186 25.01 2.59 -10.25
N THR A 187 24.21 2.83 -9.21
CA THR A 187 22.82 3.22 -9.39
C THR A 187 22.65 4.61 -10.02
N ASP A 188 21.74 4.70 -10.99
CA ASP A 188 21.44 5.98 -11.63
C ASP A 188 20.33 6.55 -10.74
N MET A 189 20.72 7.37 -9.77
CA MET A 189 19.77 7.93 -8.82
C MET A 189 18.59 8.63 -9.49
N VAL A 190 18.84 9.61 -10.35
CA VAL A 190 17.76 10.32 -11.01
C VAL A 190 16.86 9.33 -11.76
N GLY A 191 17.45 8.30 -12.34
CA GLY A 191 16.67 7.30 -13.06
C GLY A 191 15.75 6.54 -12.12
N ILE A 192 16.23 6.28 -10.90
CA ILE A 192 15.44 5.57 -9.92
C ILE A 192 14.27 6.43 -9.48
N LEU A 193 14.50 7.73 -9.29
CA LEU A 193 13.42 8.62 -8.89
C LEU A 193 12.30 8.59 -9.93
N ASP A 194 12.69 8.52 -11.20
CA ASP A 194 11.75 8.48 -12.31
C ASP A 194 10.89 7.21 -12.19
N PHE A 195 11.56 6.09 -11.96
CA PHE A 195 10.91 4.80 -11.82
C PHE A 195 9.96 4.86 -10.60
N TYR A 196 10.41 5.52 -9.54
CA TYR A 196 9.64 5.66 -8.32
C TYR A 196 8.34 6.45 -8.55
N PHE A 197 8.43 7.55 -9.29
CA PHE A 197 7.27 8.39 -9.58
C PHE A 197 6.25 7.58 -10.38
N GLN A 198 6.76 6.76 -11.30
CA GLN A 198 5.92 5.93 -12.13
C GLN A 198 5.16 4.90 -11.29
N LEU A 199 5.86 4.28 -10.34
CA LEU A 199 5.24 3.29 -9.47
C LEU A 199 4.13 3.91 -8.63
N CYS A 200 4.34 5.15 -8.20
CA CYS A 200 3.34 5.86 -7.40
C CYS A 200 2.14 6.22 -8.25
N SER A 201 2.31 6.20 -9.58
CA SER A 201 1.23 6.56 -10.50
C SER A 201 0.41 5.40 -11.06
N ILE A 202 0.72 4.18 -10.64
CA ILE A 202 -0.02 3.02 -11.11
C ILE A 202 -1.44 3.09 -10.54
N GLU A 203 -2.44 2.87 -11.39
CA GLU A 203 -3.84 2.93 -10.99
C GLU A 203 -4.48 1.57 -10.74
N VAL A 204 -5.44 1.54 -9.83
CA VAL A 204 -6.17 0.33 -9.49
C VAL A 204 -7.59 0.76 -9.18
N THR A 205 -8.45 -0.22 -8.85
CA THR A 205 -9.82 0.06 -8.45
C THR A 205 -9.90 -0.66 -7.11
N CYS A 206 -10.94 -0.39 -6.34
CA CYS A 206 -11.08 -1.07 -5.06
C CYS A 206 -11.09 -2.57 -5.31
N GLU A 207 -11.82 -2.96 -6.35
CA GLU A 207 -11.95 -4.37 -6.71
C GLU A 207 -10.64 -5.06 -7.02
N SER A 208 -9.83 -4.48 -7.90
CA SER A 208 -8.56 -5.13 -8.22
C SER A 208 -7.58 -5.10 -7.04
N ALA A 209 -7.56 -3.97 -6.31
CA ALA A 209 -6.66 -3.84 -5.17
C ALA A 209 -7.01 -4.82 -4.05
N SER A 210 -8.31 -5.09 -3.86
CA SER A 210 -8.72 -6.02 -2.83
C SER A 210 -8.17 -7.41 -3.11
N VAL A 211 -7.97 -7.71 -4.38
CA VAL A 211 -7.41 -9.01 -4.75
C VAL A 211 -5.93 -9.02 -4.38
N MET A 212 -5.25 -7.90 -4.62
CA MET A 212 -3.84 -7.80 -4.27
C MET A 212 -3.71 -8.03 -2.77
N ALA A 213 -4.59 -7.40 -2.00
CA ALA A 213 -4.58 -7.55 -0.55
C ALA A 213 -4.88 -9.00 -0.17
N ALA A 214 -5.79 -9.62 -0.91
CA ALA A 214 -6.16 -11.00 -0.65
C ALA A 214 -4.98 -11.93 -0.89
N THR A 215 -4.15 -11.60 -1.88
CA THR A 215 -2.98 -12.41 -2.17
C THR A 215 -2.02 -12.37 -0.97
N LEU A 216 -1.91 -11.20 -0.33
CA LEU A 216 -1.04 -11.05 0.83
C LEU A 216 -1.65 -11.78 2.01
N ALA A 217 -2.97 -11.78 2.08
CA ALA A 217 -3.69 -12.43 3.16
C ALA A 217 -3.72 -13.94 2.96
N ASN A 218 -3.38 -14.39 1.76
CA ASN A 218 -3.42 -15.81 1.44
C ASN A 218 -2.04 -16.45 1.26
N GLY A 219 -1.11 -16.08 2.13
CA GLY A 219 0.23 -16.63 2.06
C GLY A 219 0.98 -16.41 0.77
N GLY A 220 0.53 -15.46 -0.04
CA GLY A 220 1.21 -15.19 -1.29
C GLY A 220 0.59 -15.85 -2.50
N PHE A 221 -0.55 -16.51 -2.31
CA PHE A 221 -1.25 -17.16 -3.42
C PHE A 221 -2.46 -16.32 -3.81
N CYS A 222 -2.57 -15.97 -5.09
CA CYS A 222 -3.71 -15.18 -5.55
C CYS A 222 -4.97 -16.03 -5.45
N PRO A 223 -5.94 -15.60 -4.62
CA PRO A 223 -7.22 -16.27 -4.37
C PRO A 223 -8.11 -16.58 -5.58
N ILE A 224 -7.96 -15.85 -6.66
CA ILE A 224 -8.80 -16.09 -7.83
C ILE A 224 -8.11 -16.73 -9.02
N THR A 225 -6.86 -17.17 -8.84
CA THR A 225 -6.12 -17.84 -9.90
C THR A 225 -5.42 -19.04 -9.31
N GLY A 226 -5.16 -18.98 -8.01
CA GLY A 226 -4.49 -20.06 -7.32
C GLY A 226 -2.98 -20.14 -7.50
N GLU A 227 -2.40 -19.29 -8.32
CA GLU A 227 -0.97 -19.34 -8.52
C GLU A 227 -0.16 -18.60 -7.46
N ARG A 228 1.06 -19.08 -7.22
CA ARG A 228 1.94 -18.48 -6.25
C ARG A 228 2.53 -17.21 -6.85
N VAL A 229 2.33 -16.08 -6.18
CA VAL A 229 2.85 -14.82 -6.69
C VAL A 229 4.05 -14.34 -5.87
N LEU A 230 3.94 -14.46 -4.55
CA LEU A 230 5.01 -14.03 -3.66
C LEU A 230 5.43 -15.15 -2.72
N SER A 231 6.70 -15.17 -2.35
CA SER A 231 7.25 -16.17 -1.45
C SER A 231 6.71 -15.94 -0.04
N PRO A 232 6.58 -17.01 0.75
CA PRO A 232 6.08 -16.89 2.12
C PRO A 232 6.86 -15.83 2.90
N GLU A 233 8.17 -15.82 2.71
CA GLU A 233 9.06 -14.88 3.38
C GLU A 233 8.69 -13.44 3.03
N ALA A 234 8.44 -13.19 1.75
CA ALA A 234 8.07 -11.87 1.28
C ALA A 234 6.77 -11.40 1.93
N VAL A 235 5.77 -12.28 1.95
CA VAL A 235 4.49 -11.94 2.54
C VAL A 235 4.61 -11.62 4.02
N ARG A 236 5.27 -12.49 4.78
CA ARG A 236 5.42 -12.28 6.22
C ARG A 236 6.12 -10.95 6.53
N ASN A 237 7.21 -10.68 5.82
CA ASN A 237 7.96 -9.44 6.01
C ASN A 237 7.08 -8.22 5.73
N THR A 238 6.37 -8.27 4.60
CA THR A 238 5.50 -7.18 4.17
C THR A 238 4.42 -6.92 5.21
N LEU A 239 3.78 -7.98 5.68
CA LEU A 239 2.73 -7.84 6.68
C LEU A 239 3.26 -7.29 8.00
N SER A 240 4.44 -7.72 8.41
CA SER A 240 5.02 -7.24 9.68
C SER A 240 5.20 -5.74 9.63
N LEU A 241 5.75 -5.25 8.52
CA LEU A 241 5.98 -3.82 8.32
C LEU A 241 4.70 -3.00 8.08
N MET A 242 3.67 -3.62 7.51
CA MET A 242 2.41 -2.90 7.30
C MET A 242 1.74 -2.72 8.65
N HIS A 243 2.02 -3.67 9.55
CA HIS A 243 1.46 -3.65 10.89
C HIS A 243 1.98 -2.46 11.70
N SER A 244 3.27 -2.15 11.54
CA SER A 244 3.89 -1.10 12.32
C SER A 244 4.24 0.20 11.61
N CYS A 245 4.28 0.19 10.29
CA CYS A 245 4.66 1.40 9.55
C CYS A 245 3.76 1.71 8.36
N GLY A 246 2.56 1.14 8.32
CA GLY A 246 1.71 1.37 7.15
C GLY A 246 0.74 2.53 7.14
N MET A 247 0.55 3.17 8.28
CA MET A 247 -0.42 4.26 8.37
C MET A 247 0.22 5.59 8.77
N TYR A 248 1.42 5.86 8.26
CA TYR A 248 2.13 7.11 8.57
C TYR A 248 2.19 7.29 10.10
N ASP A 249 1.98 8.51 10.56
CA ASP A 249 2.03 8.81 11.99
C ASP A 249 0.89 8.21 12.81
N PHE A 250 -0.03 7.51 12.15
CA PHE A 250 -1.14 6.89 12.86
C PHE A 250 -0.88 5.39 13.04
N SER A 251 0.25 4.92 12.52
CA SER A 251 0.61 3.51 12.60
C SER A 251 0.52 2.93 14.01
N GLY A 252 1.05 3.66 14.99
CA GLY A 252 1.00 3.20 16.36
C GLY A 252 -0.42 3.02 16.87
N GLN A 253 -1.26 4.03 16.65
CA GLN A 253 -2.66 3.98 17.07
C GLN A 253 -3.39 2.87 16.34
N PHE A 254 -3.13 2.77 15.04
CA PHE A 254 -3.79 1.77 14.22
C PHE A 254 -3.50 0.36 14.70
N ALA A 255 -2.22 0.06 14.96
CA ALA A 255 -1.84 -1.27 15.43
C ALA A 255 -2.52 -1.59 16.75
N PHE A 256 -2.60 -0.60 17.63
CA PHE A 256 -3.21 -0.80 18.93
C PHE A 256 -4.72 -1.01 18.88
N HIS A 257 -5.43 -0.15 18.16
CA HIS A 257 -6.88 -0.23 18.09
C HIS A 257 -7.45 -1.13 17.00
N VAL A 258 -6.75 -1.25 15.88
CA VAL A 258 -7.23 -2.08 14.78
C VAL A 258 -6.48 -3.41 14.73
N GLY A 259 -5.17 -3.35 14.93
CA GLY A 259 -4.35 -4.55 14.95
C GLY A 259 -4.35 -5.38 13.68
N LEU A 260 -4.35 -4.71 12.53
CA LEU A 260 -4.34 -5.40 11.25
C LEU A 260 -3.29 -4.77 10.34
N PRO A 261 -2.66 -5.58 9.48
CA PRO A 261 -1.65 -5.02 8.57
C PRO A 261 -2.39 -4.12 7.56
N ALA A 262 -1.91 -2.88 7.39
CA ALA A 262 -2.56 -1.97 6.46
C ALA A 262 -1.58 -0.96 5.88
N LYS A 263 -1.96 -0.35 4.77
CA LYS A 263 -1.13 0.66 4.12
C LYS A 263 -2.01 1.71 3.45
N SER A 264 -1.89 2.96 3.87
CA SER A 264 -2.67 4.03 3.29
C SER A 264 -1.90 4.73 2.17
N GLY A 265 -2.60 5.59 1.43
CA GLY A 265 -2.02 6.34 0.33
C GLY A 265 -2.73 7.68 0.26
N VAL A 266 -2.06 8.68 -0.31
CA VAL A 266 -2.59 10.04 -0.37
C VAL A 266 -3.81 10.19 -1.31
N ALA A 267 -4.07 9.16 -2.13
CA ALA A 267 -5.22 9.18 -3.02
C ALA A 267 -6.46 8.82 -2.22
N GLY A 268 -6.26 8.39 -0.98
CA GLY A 268 -7.38 8.02 -0.12
C GLY A 268 -7.57 6.51 0.01
N GLY A 269 -6.65 5.75 -0.55
CA GLY A 269 -6.78 4.30 -0.45
C GLY A 269 -6.18 3.73 0.83
N ILE A 270 -6.73 2.60 1.27
CA ILE A 270 -6.22 1.89 2.43
C ILE A 270 -6.26 0.41 2.12
N LEU A 271 -5.09 -0.16 1.84
CA LEU A 271 -4.97 -1.58 1.55
C LEU A 271 -5.02 -2.29 2.90
N LEU A 272 -6.08 -3.05 3.16
CA LEU A 272 -6.24 -3.74 4.43
C LEU A 272 -6.16 -5.26 4.30
N VAL A 273 -5.39 -5.89 5.19
CA VAL A 273 -5.22 -7.33 5.16
C VAL A 273 -5.65 -8.02 6.47
N VAL A 274 -6.45 -9.08 6.34
CA VAL A 274 -6.89 -9.87 7.46
C VAL A 274 -6.33 -11.26 7.20
N PRO A 275 -5.16 -11.57 7.79
CA PRO A 275 -4.48 -12.85 7.64
C PRO A 275 -5.38 -14.08 7.59
N ASN A 276 -5.17 -14.89 6.55
CA ASN A 276 -5.92 -16.13 6.35
C ASN A 276 -7.42 -15.92 6.28
N VAL A 277 -7.86 -14.67 6.14
CA VAL A 277 -9.28 -14.42 6.04
C VAL A 277 -9.64 -13.71 4.74
N MET A 278 -9.15 -12.50 4.55
CA MET A 278 -9.48 -11.76 3.34
C MET A 278 -8.57 -10.56 3.11
N GLY A 279 -8.78 -9.93 1.96
CA GLY A 279 -8.04 -8.74 1.59
C GLY A 279 -9.09 -7.68 1.31
N MET A 280 -8.75 -6.42 1.55
CA MET A 280 -9.70 -5.35 1.29
C MET A 280 -9.03 -4.07 0.81
N MET A 281 -9.81 -3.24 0.14
CA MET A 281 -9.35 -1.94 -0.33
C MET A 281 -10.47 -0.97 -0.05
N CYS A 282 -10.20 -0.01 0.83
CA CYS A 282 -11.18 1.01 1.19
C CYS A 282 -10.67 2.26 0.53
N TRP A 283 -11.57 3.02 -0.10
CA TRP A 283 -11.14 4.22 -0.77
C TRP A 283 -12.09 5.41 -0.67
N SER A 284 -11.56 6.53 -0.22
CA SER A 284 -12.30 7.78 -0.11
C SER A 284 -11.25 8.88 -0.05
N PRO A 285 -11.22 9.74 -1.08
CA PRO A 285 -10.28 10.85 -1.23
C PRO A 285 -10.01 11.78 -0.04
N PRO A 286 -11.04 12.14 0.75
CA PRO A 286 -10.78 13.03 1.88
C PRO A 286 -9.88 12.41 2.95
N LEU A 287 -8.74 13.08 3.21
CA LEU A 287 -7.77 12.61 4.19
C LEU A 287 -7.79 13.41 5.50
N ASP A 288 -7.37 12.77 6.60
CA ASP A 288 -7.30 13.47 7.88
C ASP A 288 -5.94 14.15 7.98
N LYS A 289 -5.66 14.79 9.11
CA LYS A 289 -4.38 15.50 9.31
C LYS A 289 -3.15 14.62 9.13
N MET A 290 -3.30 13.32 9.37
CA MET A 290 -2.17 12.41 9.22
C MET A 290 -2.01 11.75 7.86
N GLY A 291 -2.87 12.14 6.90
CA GLY A 291 -2.79 11.58 5.56
C GLY A 291 -3.60 10.32 5.29
N ASN A 292 -4.47 9.94 6.22
CA ASN A 292 -5.27 8.74 6.02
C ASN A 292 -6.73 9.03 5.69
N SER A 293 -7.29 8.25 4.78
CA SER A 293 -8.68 8.41 4.38
C SER A 293 -9.59 8.41 5.61
N VAL A 294 -10.32 9.50 5.83
CA VAL A 294 -11.22 9.61 6.97
C VAL A 294 -12.26 8.50 7.03
N LYS A 295 -12.95 8.25 5.91
CA LYS A 295 -13.95 7.19 5.90
C LYS A 295 -13.30 5.84 6.10
N GLY A 296 -12.16 5.63 5.45
CA GLY A 296 -11.45 4.37 5.57
C GLY A 296 -11.06 4.06 7.01
N ILE A 297 -10.53 5.04 7.71
CA ILE A 297 -10.14 4.85 9.10
C ILE A 297 -11.34 4.54 9.96
N HIS A 298 -12.43 5.27 9.76
CA HIS A 298 -13.64 5.03 10.52
C HIS A 298 -14.09 3.58 10.28
N PHE A 299 -14.15 3.20 9.02
CA PHE A 299 -14.56 1.86 8.62
C PHE A 299 -13.70 0.76 9.25
N CYS A 300 -12.38 0.96 9.29
CA CYS A 300 -11.49 -0.03 9.86
C CYS A 300 -11.73 -0.27 11.35
N HIS A 301 -11.99 0.80 12.10
CA HIS A 301 -12.27 0.66 13.52
C HIS A 301 -13.54 -0.15 13.72
N ASP A 302 -14.60 0.24 13.02
CA ASP A 302 -15.89 -0.44 13.10
C ASP A 302 -15.80 -1.92 12.71
N LEU A 303 -15.01 -2.21 11.68
CA LEU A 303 -14.86 -3.59 11.22
C LEU A 303 -14.29 -4.51 12.29
N VAL A 304 -13.28 -4.02 13.00
CA VAL A 304 -12.63 -4.79 14.07
C VAL A 304 -13.51 -4.91 15.31
N SER A 305 -14.26 -3.85 15.61
CA SER A 305 -15.14 -3.87 16.77
C SER A 305 -16.27 -4.86 16.57
N LEU A 306 -16.77 -4.93 15.35
CA LEU A 306 -17.86 -5.82 14.99
C LEU A 306 -17.46 -7.29 14.82
N CYS A 307 -16.47 -7.54 13.96
CA CYS A 307 -16.04 -8.90 13.68
C CYS A 307 -14.84 -9.44 14.45
N ASN A 308 -14.36 -8.71 15.44
CA ASN A 308 -13.22 -9.16 16.23
C ASN A 308 -12.11 -9.76 15.37
N PHE A 309 -11.56 -8.93 14.49
CA PHE A 309 -10.49 -9.31 13.58
C PHE A 309 -9.11 -8.88 14.07
N HIS A 310 -9.09 -8.12 15.17
CA HIS A 310 -7.84 -7.64 15.76
C HIS A 310 -6.84 -8.78 15.94
N ASN A 311 -5.60 -8.51 15.56
CA ASN A 311 -4.52 -9.49 15.67
C ASN A 311 -4.57 -10.27 16.99
N TYR A 312 -4.69 -9.53 18.10
CA TYR A 312 -4.70 -10.16 19.41
C TYR A 312 -6.06 -10.33 20.06
N ASP A 313 -7.12 -10.38 19.23
CA ASP A 313 -8.46 -10.62 19.77
C ASP A 313 -8.42 -12.12 20.02
N ASN A 314 -8.89 -12.56 21.18
CA ASN A 314 -8.84 -13.98 21.48
C ASN A 314 -10.01 -14.77 20.90
N LEU A 315 -9.67 -15.82 20.17
CA LEU A 315 -10.66 -16.69 19.56
C LEU A 315 -10.01 -18.04 19.28
S SO4 B . -3.44 9.51 -18.67
O1 SO4 B . -2.98 10.15 -20.13
O2 SO4 B . -2.75 8.21 -18.54
O3 SO4 B . -2.90 10.59 -17.52
O4 SO4 B . -4.91 9.34 -18.60
S SO4 C . 22.48 14.44 8.27
O1 SO4 C . 22.19 15.86 8.19
O2 SO4 C . 23.76 14.16 7.58
O3 SO4 C . 22.60 14.03 9.66
O4 SO4 C . 21.42 13.71 7.66
#